data_4Z9B
#
_entry.id   4Z9B
#
_cell.length_a   32.088
_cell.length_b   54.287
_cell.length_c   97.468
_cell.angle_alpha   90.00
_cell.angle_beta   90.00
_cell.angle_gamma   90.00
#
_symmetry.space_group_name_H-M   'P 21 21 21'
#
loop_
_entity.id
_entity.type
_entity.pdbx_description
1 polymer 'Low molecular weight phosphotyrosine protein phosphatase'
2 non-polymer 'benzylphosphonic acid'
3 water water
#
_entity_poly.entity_id   1
_entity_poly.type   'polypeptide(L)'
_entity_poly.pdbx_seq_one_letter_code
;GSHMEFMAEQATKSVLFVCLGNICRSPIAEAVFRKLVTDQNISENWRVDSAATSGYEIGNPPDYRGQSCMKRHGIPMSHV
ARQITKEDFATFDYILCMDESNLRDLNRKSNQVKTCKAKIELLGSYDPQKQLIIEDPYYGNDSDFETVYQQCVRCCRAFL
EKAH
;
_entity_poly.pdbx_strand_id   A
#
# COMPACT_ATOMS: atom_id res chain seq x y z
N HIS A 3 10.00 26.69 10.39
CA HIS A 3 8.90 27.68 10.28
C HIS A 3 7.86 27.45 11.38
N MET A 4 7.68 28.49 12.20
CA MET A 4 6.61 28.53 13.19
C MET A 4 5.29 29.07 12.59
N GLU A 5 5.18 28.96 11.26
CA GLU A 5 4.09 29.49 10.45
C GLU A 5 2.74 28.68 10.58
N PHE A 6 2.82 27.35 10.76
CA PHE A 6 1.63 26.46 10.75
C PHE A 6 1.68 25.43 11.91
N THR A 12 6.17 14.19 11.24
CA THR A 12 6.33 13.17 10.20
C THR A 12 5.51 11.91 10.54
N LYS A 13 4.78 11.38 9.55
CA LYS A 13 4.09 10.08 9.67
C LYS A 13 4.43 9.14 8.49
N SER A 14 4.36 7.83 8.73
CA SER A 14 4.79 6.89 7.71
C SER A 14 3.85 5.70 7.52
N VAL A 15 3.66 5.32 6.25
CA VAL A 15 2.77 4.23 5.87
C VAL A 15 3.41 3.40 4.75
N LEU A 16 3.41 2.08 4.90
CA LEU A 16 3.97 1.22 3.87
C LEU A 16 2.90 0.26 3.38
N PHE A 17 2.53 0.36 2.10
CA PHE A 17 1.52 -0.57 1.58
C PHE A 17 2.22 -1.83 1.04
N VAL A 18 1.67 -3.01 1.40
CA VAL A 18 2.30 -4.31 1.11
C VAL A 18 1.38 -5.41 0.48
N CYS A 19 1.88 -6.04 -0.58
CA CYS A 19 1.27 -7.22 -1.21
C CYS A 19 2.40 -8.23 -1.48
N LEU A 20 2.12 -9.25 -2.27
CA LEU A 20 3.06 -10.36 -2.37
C LEU A 20 4.16 -10.05 -3.36
N GLY A 21 3.77 -9.40 -4.45
CA GLY A 21 4.70 -9.09 -5.50
C GLY A 21 5.19 -7.66 -5.53
N ASN A 22 4.35 -6.72 -5.12
CA ASN A 22 4.61 -5.26 -5.22
C ASN A 22 4.55 -4.75 -6.66
N ILE A 23 3.63 -5.32 -7.44
CA ILE A 23 3.40 -4.86 -8.79
C ILE A 23 1.93 -4.52 -9.13
N CYS A 24 0.96 -5.13 -8.47
CA CYS A 24 -0.44 -4.86 -8.77
C CYS A 24 -1.06 -3.92 -7.71
N ARG A 25 -1.38 -4.49 -6.54
CA ARG A 25 -2.22 -3.84 -5.51
C ARG A 25 -1.56 -2.73 -4.71
N SER A 26 -0.46 -3.08 -4.03
CA SER A 26 0.27 -2.12 -3.18
C SER A 26 0.79 -0.92 -3.93
N PRO A 27 1.24 -1.10 -5.18
CA PRO A 27 1.59 0.14 -5.87
C PRO A 27 0.34 1.02 -6.10
N ILE A 28 -0.80 0.40 -6.39
CA ILE A 28 -2.01 1.18 -6.59
C ILE A 28 -2.34 1.98 -5.32
N ALA A 29 -2.40 1.28 -4.18
CA ALA A 29 -2.69 1.93 -2.89
C ALA A 29 -1.77 3.10 -2.62
N GLU A 30 -0.48 2.84 -2.80
CA GLU A 30 0.58 3.80 -2.52
C GLU A 30 0.37 5.12 -3.26
N ALA A 31 -0.02 5.03 -4.53
CA ALA A 31 -0.17 6.20 -5.39
C ALA A 31 -1.53 6.82 -5.18
N VAL A 32 -2.49 6.00 -4.75
CA VAL A 32 -3.76 6.54 -4.26
C VAL A 32 -3.53 7.35 -2.98
N PHE A 33 -2.69 6.85 -2.08
CA PHE A 33 -2.49 7.57 -0.84
C PHE A 33 -1.66 8.82 -1.06
N ARG A 34 -0.66 8.73 -1.92
CA ARG A 34 0.24 9.86 -2.16
C ARG A 34 -0.51 11.02 -2.76
N LYS A 35 -1.26 10.77 -3.82
CA LYS A 35 -2.17 11.80 -4.34
C LYS A 35 -3.00 12.44 -3.19
N LEU A 36 -3.67 11.62 -2.37
CA LEU A 36 -4.52 12.11 -1.24
C LEU A 36 -3.80 13.12 -0.31
N VAL A 37 -2.63 12.74 0.17
CA VAL A 37 -1.80 13.64 0.98
C VAL A 37 -1.26 14.79 0.16
N THR A 38 -1.04 14.58 -1.13
CA THR A 38 -0.51 15.66 -1.95
C THR A 38 -1.60 16.72 -2.21
N ASP A 39 -2.85 16.29 -2.43
CA ASP A 39 -3.92 17.26 -2.70
C ASP A 39 -4.20 18.12 -1.46
N GLN A 40 -3.99 17.52 -0.27
CA GLN A 40 -4.28 18.15 1.00
C GLN A 40 -3.10 18.88 1.60
N ASN A 41 -2.01 19.05 0.83
CA ASN A 41 -0.85 19.83 1.25
C ASN A 41 -0.05 19.21 2.36
N ILE A 42 -0.26 17.94 2.62
CA ILE A 42 0.34 17.32 3.77
C ILE A 42 1.33 16.23 3.38
N SER A 43 1.73 16.20 2.12
CA SER A 43 2.73 15.21 1.66
C SER A 43 4.04 15.36 2.42
N GLU A 44 4.48 16.60 2.64
CA GLU A 44 5.64 16.90 3.47
C GLU A 44 5.59 16.18 4.84
N ASN A 45 4.42 16.04 5.45
CA ASN A 45 4.25 15.32 6.76
C ASN A 45 4.20 13.78 6.68
N TRP A 46 4.13 13.23 5.46
CA TRP A 46 3.98 11.79 5.24
C TRP A 46 5.16 11.16 4.46
N ARG A 47 5.57 10.00 4.93
CA ARG A 47 6.49 9.15 4.22
C ARG A 47 5.69 7.98 3.65
N VAL A 48 5.58 7.87 2.32
CA VAL A 48 4.71 6.86 1.70
C VAL A 48 5.53 5.93 0.82
N ASP A 49 5.26 4.63 0.84
CA ASP A 49 6.00 3.66 0.02
C ASP A 49 5.19 2.33 -0.10
N SER A 50 5.64 1.45 -0.99
CA SER A 50 5.11 0.09 -1.07
C SER A 50 6.23 -0.93 -1.21
N ALA A 51 5.94 -2.18 -0.78
CA ALA A 51 6.90 -3.28 -0.87
C ALA A 51 6.25 -4.66 -0.92
N ALA A 52 7.07 -5.60 -1.40
CA ALA A 52 6.76 -6.99 -1.67
C ALA A 52 7.18 -7.94 -0.53
N THR A 53 6.32 -8.83 -0.06
CA THR A 53 6.87 -9.87 0.80
C THR A 53 7.96 -10.73 0.07
N SER A 54 7.85 -10.90 -1.24
CA SER A 54 8.75 -11.80 -2.01
C SER A 54 9.72 -11.06 -2.95
N GLY A 55 10.69 -11.82 -3.46
CA GLY A 55 11.72 -11.30 -4.34
C GLY A 55 11.36 -11.37 -5.80
N TYR A 56 10.22 -11.99 -6.09
CA TYR A 56 9.81 -12.35 -7.44
C TYR A 56 9.90 -11.23 -8.46
N GLU A 57 9.56 -10.02 -8.01
CA GLU A 57 9.37 -8.88 -8.93
C GLU A 57 10.39 -7.74 -8.77
N ILE A 58 11.46 -7.97 -8.00
CA ILE A 58 12.36 -6.89 -7.61
C ILE A 58 12.97 -6.16 -8.79
N GLY A 59 12.90 -4.84 -8.78
CA GLY A 59 13.30 -4.06 -9.91
C GLY A 59 12.19 -3.76 -10.88
N ASN A 60 11.07 -4.47 -10.80
CA ASN A 60 10.03 -4.33 -11.82
C ASN A 60 9.08 -3.16 -11.63
N PRO A 61 8.73 -2.48 -12.75
CA PRO A 61 7.67 -1.50 -12.65
C PRO A 61 6.39 -2.13 -12.27
N PRO A 62 5.37 -1.30 -12.00
CA PRO A 62 4.06 -1.90 -11.72
C PRO A 62 3.42 -2.61 -12.91
N ASP A 63 2.53 -3.53 -12.62
CA ASP A 63 1.76 -4.19 -13.63
C ASP A 63 1.15 -3.17 -14.59
N TYR A 64 1.36 -3.38 -15.89
CA TYR A 64 0.93 -2.44 -16.92
C TYR A 64 -0.59 -2.38 -17.01
N ARG A 65 -1.26 -3.46 -16.63
CA ARG A 65 -2.71 -3.39 -16.53
C ARG A 65 -3.14 -2.42 -15.42
N GLY A 66 -2.48 -2.48 -14.28
CA GLY A 66 -2.78 -1.56 -13.17
C GLY A 66 -2.35 -0.14 -13.43
N GLN A 67 -1.25 0.01 -14.17
CA GLN A 67 -0.79 1.30 -14.61
C GLN A 67 -1.82 1.99 -15.53
N SER A 68 -2.50 1.20 -16.36
CA SER A 68 -3.55 1.72 -17.25
C SER A 68 -4.76 2.18 -16.49
N CYS A 69 -5.11 1.41 -15.46
CA CYS A 69 -6.22 1.79 -14.60
C CYS A 69 -5.93 3.14 -13.93
N MET A 70 -4.67 3.35 -13.53
CA MET A 70 -4.30 4.56 -12.85
C MET A 70 -4.22 5.73 -13.80
N LYS A 71 -3.64 5.53 -14.98
CA LYS A 71 -3.65 6.58 -15.97
C LYS A 71 -5.11 7.02 -16.20
N ARG A 72 -6.02 6.05 -16.36
CA ARG A 72 -7.43 6.39 -16.58
C ARG A 72 -7.95 7.38 -15.53
N HIS A 73 -7.57 7.16 -14.26
CA HIS A 73 -8.01 7.97 -13.13
C HIS A 73 -7.11 9.17 -12.78
N GLY A 74 -6.24 9.58 -13.71
CA GLY A 74 -5.34 10.72 -13.49
C GLY A 74 -4.07 10.46 -12.70
N ILE A 75 -4.02 9.35 -11.97
CA ILE A 75 -2.96 9.07 -10.98
C ILE A 75 -1.74 8.33 -11.56
N PRO A 76 -0.62 9.04 -11.76
CA PRO A 76 0.53 8.40 -12.44
C PRO A 76 1.34 7.52 -11.48
N MET A 77 1.63 6.26 -11.84
CA MET A 77 2.46 5.42 -10.94
C MET A 77 3.90 5.36 -11.38
N SER A 78 4.80 5.77 -10.48
CA SER A 78 6.25 5.56 -10.65
CA SER A 78 6.24 5.52 -10.65
C SER A 78 6.77 4.84 -9.39
N HIS A 79 6.96 3.52 -9.49
CA HIS A 79 7.46 2.73 -8.37
C HIS A 79 8.27 1.58 -8.94
N VAL A 80 9.38 1.28 -8.27
CA VAL A 80 10.26 0.20 -8.60
C VAL A 80 10.09 -0.86 -7.53
N ALA A 81 9.58 -2.02 -7.94
CA ALA A 81 9.29 -3.12 -7.05
C ALA A 81 10.49 -3.38 -6.19
N ARG A 82 10.28 -3.47 -4.88
CA ARG A 82 11.33 -3.91 -3.95
C ARG A 82 10.70 -4.81 -2.95
N GLN A 83 11.56 -5.59 -2.28
CA GLN A 83 11.15 -6.50 -1.21
C GLN A 83 11.30 -5.83 0.14
N ILE A 84 10.33 -6.06 1.00
CA ILE A 84 10.40 -5.61 2.36
C ILE A 84 11.68 -6.05 3.11
N THR A 85 12.11 -5.16 4.02
CA THR A 85 13.38 -5.22 4.76
C THR A 85 13.08 -5.17 6.23
N LYS A 86 14.09 -5.40 7.04
CA LYS A 86 13.94 -5.41 8.51
C LYS A 86 13.69 -4.00 9.05
N GLU A 87 14.40 -3.07 8.46
CA GLU A 87 14.25 -1.64 8.70
C GLU A 87 12.82 -1.15 8.52
N ASP A 88 12.15 -1.59 7.46
CA ASP A 88 10.75 -1.22 7.24
C ASP A 88 9.85 -1.38 8.46
N PHE A 89 10.07 -2.45 9.23
CA PHE A 89 9.33 -2.68 10.47
C PHE A 89 9.75 -1.69 11.54
N ALA A 90 11.05 -1.42 11.64
CA ALA A 90 11.52 -0.41 12.62
C ALA A 90 11.15 1.04 12.27
N THR A 91 11.14 1.38 10.99
CA THR A 91 10.91 2.77 10.61
C THR A 91 9.46 3.16 10.32
N PHE A 92 8.56 2.18 10.12
CA PHE A 92 7.21 2.54 9.62
C PHE A 92 6.18 2.50 10.72
N ASP A 93 5.27 3.48 10.72
CA ASP A 93 4.16 3.51 11.68
C ASP A 93 3.10 2.44 11.34
N TYR A 94 2.71 2.37 10.07
CA TYR A 94 1.69 1.43 9.60
C TYR A 94 2.24 0.59 8.49
N ILE A 95 1.92 -0.69 8.50
CA ILE A 95 2.14 -1.53 7.36
C ILE A 95 0.81 -2.19 7.01
N LEU A 96 0.22 -1.73 5.90
CA LEU A 96 -1.14 -2.04 5.49
C LEU A 96 -1.12 -2.93 4.27
N CYS A 97 -1.59 -4.15 4.44
CA CYS A 97 -1.45 -5.19 3.42
C CYS A 97 -2.81 -5.57 2.84
N MET A 98 -2.78 -6.32 1.75
CA MET A 98 -4.00 -6.66 0.99
C MET A 98 -4.76 -7.87 1.54
N ASP A 99 -4.13 -9.04 1.49
CA ASP A 99 -4.87 -10.28 1.74
C ASP A 99 -4.40 -11.07 2.96
N GLU A 100 -5.13 -12.12 3.28
CA GLU A 100 -4.91 -12.86 4.52
C GLU A 100 -3.45 -13.43 4.56
N SER A 101 -2.97 -13.91 3.40
CA SER A 101 -1.66 -14.57 3.21
C SER A 101 -0.50 -13.58 3.30
N ASN A 102 -0.73 -12.35 2.84
CA ASN A 102 0.15 -11.23 3.14
C ASN A 102 0.34 -11.02 4.64
N LEU A 103 -0.76 -11.03 5.38
CA LEU A 103 -0.75 -10.67 6.79
C LEU A 103 0.00 -11.70 7.61
N ARG A 104 -0.14 -12.98 7.23
CA ARG A 104 0.54 -14.12 7.90
CA ARG A 104 0.54 -14.09 7.93
C ARG A 104 2.06 -14.11 7.65
N ASP A 105 2.40 -13.74 6.42
CA ASP A 105 3.74 -13.65 5.96
C ASP A 105 4.41 -12.43 6.65
N LEU A 106 3.70 -11.30 6.70
CA LEU A 106 4.17 -10.15 7.49
C LEU A 106 4.36 -10.50 8.97
N ASN A 107 3.46 -11.27 9.55
CA ASN A 107 3.61 -11.61 10.97
C ASN A 107 4.87 -12.47 11.20
N ARG A 108 5.09 -13.47 10.36
CA ARG A 108 6.31 -14.26 10.39
C ARG A 108 7.53 -13.31 10.37
N LYS A 109 7.61 -12.51 9.31
CA LYS A 109 8.67 -11.51 9.19
C LYS A 109 8.85 -10.68 10.50
N SER A 110 7.74 -10.18 11.09
CA SER A 110 7.77 -9.30 12.29
C SER A 110 8.45 -9.92 13.52
N ASN A 111 8.45 -11.25 13.62
CA ASN A 111 9.17 -11.92 14.70
C ASN A 111 10.63 -12.20 14.39
N GLN A 112 11.16 -11.68 13.29
CA GLN A 112 12.54 -11.92 12.96
C GLN A 112 13.36 -10.63 13.01
N VAL A 113 12.80 -9.62 13.70
CA VAL A 113 13.45 -8.29 13.91
C VAL A 113 13.36 -7.84 15.39
N LYS A 114 14.30 -6.97 15.80
CA LYS A 114 14.36 -6.48 17.19
C LYS A 114 13.17 -5.56 17.41
N THR A 115 13.11 -4.51 16.61
CA THR A 115 12.11 -3.45 16.78
C THR A 115 11.07 -3.43 15.67
N CYS A 116 9.82 -3.67 16.07
CA CYS A 116 8.70 -3.50 15.20
C CYS A 116 7.85 -2.31 15.64
N LYS A 117 8.16 -1.11 15.17
CA LYS A 117 7.32 0.05 15.52
C LYS A 117 5.98 -0.05 14.84
N ALA A 118 5.92 -0.83 13.75
CA ALA A 118 4.78 -0.84 12.88
C ALA A 118 3.60 -1.65 13.42
N LYS A 119 2.42 -0.99 13.42
CA LYS A 119 1.08 -1.65 13.32
C LYS A 119 0.94 -2.31 11.94
N ILE A 120 0.85 -3.65 11.94
CA ILE A 120 0.68 -4.45 10.72
C ILE A 120 -0.78 -4.85 10.57
N GLU A 121 -1.44 -4.47 9.47
CA GLU A 121 -2.86 -4.79 9.34
C GLU A 121 -3.39 -4.82 7.90
N LEU A 122 -4.65 -5.27 7.76
CA LEU A 122 -5.36 -5.22 6.48
C LEU A 122 -5.72 -3.82 6.13
N LEU A 123 -5.32 -3.41 4.93
CA LEU A 123 -5.76 -2.14 4.39
C LEU A 123 -7.30 -2.09 4.39
N GLY A 124 -7.91 -3.21 3.95
CA GLY A 124 -9.37 -3.34 3.87
C GLY A 124 -10.14 -3.28 5.18
N SER A 125 -9.44 -3.23 6.33
CA SER A 125 -10.14 -3.01 7.58
C SER A 125 -10.44 -1.52 7.83
N TYR A 126 -10.15 -0.63 6.87
CA TYR A 126 -10.62 0.78 6.93
C TYR A 126 -11.85 1.07 6.05
N ASP A 127 -12.29 0.03 5.35
CA ASP A 127 -13.38 0.15 4.39
C ASP A 127 -14.72 0.46 5.11
N PRO A 128 -15.36 1.61 4.75
CA PRO A 128 -16.76 1.87 5.13
C PRO A 128 -17.70 0.82 4.57
N GLN A 129 -17.50 0.46 3.30
CA GLN A 129 -18.21 -0.66 2.65
C GLN A 129 -17.85 -2.10 3.16
N LYS A 130 -16.96 -2.19 4.16
CA LYS A 130 -16.69 -3.44 4.91
C LYS A 130 -16.17 -4.64 4.09
N GLN A 131 -15.56 -4.37 2.92
CA GLN A 131 -14.92 -5.41 2.09
C GLN A 131 -13.48 -5.70 2.58
N LEU A 132 -13.34 -6.70 3.44
CA LEU A 132 -12.08 -6.94 4.13
C LEU A 132 -10.86 -7.14 3.23
N ILE A 133 -10.97 -8.01 2.25
CA ILE A 133 -9.81 -8.41 1.45
C ILE A 133 -9.77 -7.66 0.12
N ILE A 134 -8.57 -7.23 -0.25
CA ILE A 134 -8.35 -6.64 -1.53
C ILE A 134 -7.71 -7.81 -2.27
N GLU A 135 -8.43 -8.39 -3.22
CA GLU A 135 -7.97 -9.62 -3.84
C GLU A 135 -7.03 -9.44 -5.02
N ASP A 136 -6.18 -10.41 -5.22
CA ASP A 136 -5.15 -10.34 -6.22
C ASP A 136 -5.71 -10.34 -7.65
N PRO A 137 -5.48 -9.25 -8.40
CA PRO A 137 -5.94 -9.17 -9.77
C PRO A 137 -4.94 -9.68 -10.83
N TYR A 138 -3.83 -10.29 -10.39
CA TYR A 138 -2.82 -10.86 -11.31
C TYR A 138 -3.50 -11.65 -12.48
N TYR A 139 -4.50 -12.49 -12.18
CA TYR A 139 -5.22 -13.28 -13.19
C TYR A 139 -6.59 -12.73 -13.55
N GLY A 140 -6.93 -11.58 -13.02
CA GLY A 140 -8.19 -10.94 -13.30
C GLY A 140 -8.07 -10.13 -14.56
N ASN A 141 -8.99 -9.18 -14.71
CA ASN A 141 -9.04 -8.32 -15.87
C ASN A 141 -9.24 -6.88 -15.44
N ASP A 142 -9.54 -5.98 -16.36
CA ASP A 142 -9.57 -4.56 -16.02
C ASP A 142 -10.70 -4.21 -15.05
N SER A 143 -11.71 -5.05 -14.96
CA SER A 143 -12.77 -4.84 -13.96
C SER A 143 -12.17 -5.06 -12.58
N ASP A 144 -11.32 -6.08 -12.47
CA ASP A 144 -10.68 -6.51 -11.23
C ASP A 144 -9.67 -5.48 -10.70
N PHE A 145 -8.96 -4.86 -11.64
CA PHE A 145 -8.07 -3.75 -11.36
C PHE A 145 -8.82 -2.47 -10.94
N GLU A 146 -9.97 -2.22 -11.56
CA GLU A 146 -10.83 -1.11 -11.20
C GLU A 146 -11.46 -1.32 -9.83
N THR A 147 -11.79 -2.55 -9.53
CA THR A 147 -12.38 -2.85 -8.24
C THR A 147 -11.31 -2.59 -7.17
N VAL A 148 -10.09 -3.12 -7.39
CA VAL A 148 -8.95 -2.91 -6.48
C VAL A 148 -8.72 -1.42 -6.25
N TYR A 149 -8.62 -0.62 -7.32
CA TYR A 149 -8.46 0.83 -7.20
C TYR A 149 -9.53 1.46 -6.31
N GLN A 150 -10.81 1.18 -6.58
CA GLN A 150 -11.92 1.74 -5.77
C GLN A 150 -11.78 1.40 -4.28
N GLN A 151 -11.48 0.14 -3.99
CA GLN A 151 -11.20 -0.29 -2.60
C GLN A 151 -10.05 0.54 -2.00
N CYS A 152 -8.97 0.76 -2.77
CA CYS A 152 -7.83 1.51 -2.23
C CYS A 152 -8.21 2.97 -1.89
N VAL A 153 -9.11 3.56 -2.68
CA VAL A 153 -9.55 4.95 -2.45
C VAL A 153 -10.33 5.07 -1.11
N ARG A 154 -11.37 4.24 -0.96
CA ARG A 154 -12.14 4.13 0.29
C ARG A 154 -11.27 3.93 1.51
N CYS A 155 -10.44 2.92 1.44
CA CYS A 155 -9.63 2.50 2.59
C CYS A 155 -8.57 3.52 2.99
N CYS A 156 -7.86 4.02 1.97
CA CYS A 156 -6.89 5.11 2.09
C CYS A 156 -7.49 6.43 2.58
N ARG A 157 -8.63 6.84 2.04
CA ARG A 157 -9.34 8.00 2.56
C ARG A 157 -9.72 7.86 4.04
N ALA A 158 -10.26 6.70 4.43
CA ALA A 158 -10.67 6.52 5.80
C ALA A 158 -9.43 6.51 6.68
N PHE A 159 -8.43 5.71 6.28
CA PHE A 159 -7.16 5.62 7.00
C PHE A 159 -6.50 6.99 7.18
N LEU A 160 -6.58 7.83 6.16
CA LEU A 160 -6.12 9.19 6.33
C LEU A 160 -7.00 9.88 7.37
N GLU A 161 -8.32 9.88 7.16
CA GLU A 161 -9.27 10.50 8.08
C GLU A 161 -8.80 10.37 9.53
N LYS A 162 -8.63 9.13 9.97
CA LYS A 162 -7.96 8.84 11.26
C LYS A 162 -7.60 7.36 11.41
N ALA A 163 -6.37 7.12 11.87
CA ALA A 163 -5.73 5.79 11.81
C ALA A 163 -6.11 4.87 12.99
N HIS A 164 -6.07 3.55 12.78
CA HIS A 164 -6.46 2.60 13.86
C HIS A 164 -5.49 2.70 15.03
#